data_1YB1
#
_entry.id   1YB1
#
_cell.length_a   110.939
_cell.length_b   110.939
_cell.length_c   118.013
_cell.angle_alpha   90.00
_cell.angle_beta   90.00
_cell.angle_gamma   90.00
#
_symmetry.space_group_name_H-M   'P 41 21 2'
#
loop_
_entity.id
_entity.type
_entity.pdbx_description
1 polymer '17-beta-hydroxysteroid dehydrogenase type XI'
2 non-polymer 'CHLORIDE ION'
3 non-polymer 'SULFATE ION'
4 non-polymer Androsterone
5 non-polymer GLYCEROL
6 water water
#
_entity_poly.entity_id   1
_entity_poly.type   'polypeptide(L)'
_entity_poly.pdbx_seq_one_letter_code
;GSSHHHHHHSSGRENLYFQGHMPKRRKSVTGEIVLITGAGHGIGRLTAYEFAKLKSKLVLWDINKHGLEETAAKCKGLGA
KVHTFVVDCSNREDIYSSAKKVKAEIGDVSILVNNAGVVYTSDLFATQDPQIEKTFEVNVLAHFWTTKAFLPAMTKNNHG
HIVTVASAAGHVSVPFLLAYCSSKFAAVGFHKTLTDELAALQITGVKTTCLCPNFVNTGFIKNPSTSLGPTLEPEEVVNR
LMHGILTEQKMIFIPSSIAFLTTLERILPEGS
;
_entity_poly.pdbx_strand_id   A,B
#
# COMPACT_ATOMS: atom_id res chain seq x y z
N ARG A 25 -5.19 33.79 2.97
CA ARG A 25 -5.66 32.38 3.19
C ARG A 25 -5.23 31.49 2.02
N ARG A 26 -5.81 31.76 0.85
CA ARG A 26 -5.66 30.89 -0.31
C ARG A 26 -4.62 31.44 -1.28
N LYS A 27 -3.71 30.56 -1.72
CA LYS A 27 -2.69 30.94 -2.70
C LYS A 27 -3.26 31.10 -4.11
N SER A 28 -2.59 31.91 -4.91
CA SER A 28 -2.89 32.02 -6.33
C SER A 28 -2.22 30.84 -7.03
N VAL A 29 -2.92 30.26 -8.00
CA VAL A 29 -2.36 29.23 -8.88
C VAL A 29 -2.43 29.67 -10.33
N THR A 30 -2.64 30.98 -10.55
CA THR A 30 -2.75 31.51 -11.89
C THR A 30 -1.48 31.24 -12.69
N GLY A 31 -1.64 30.70 -13.89
CA GLY A 31 -0.51 30.42 -14.77
C GLY A 31 0.36 29.23 -14.38
N GLU A 32 0.10 28.61 -13.23
CA GLU A 32 0.83 27.42 -12.79
C GLU A 32 0.42 26.29 -13.70
N ILE A 33 1.37 25.43 -14.03
CA ILE A 33 1.11 24.21 -14.79
C ILE A 33 0.63 23.13 -13.82
N VAL A 34 -0.65 22.78 -13.96
CA VAL A 34 -1.31 21.82 -13.11
C VAL A 34 -1.61 20.58 -13.95
N LEU A 35 -1.08 19.43 -13.52
CA LEU A 35 -1.33 18.17 -14.22
C LEU A 35 -2.23 17.29 -13.36
N ILE A 36 -3.33 16.84 -13.95
CA ILE A 36 -4.32 16.02 -13.26
C ILE A 36 -4.48 14.70 -14.01
N THR A 37 -4.23 13.59 -13.32
CA THR A 37 -4.46 12.25 -13.87
C THR A 37 -5.89 11.83 -13.56
N GLY A 38 -6.45 11.02 -14.44
CA GLY A 38 -7.84 10.61 -14.29
C GLY A 38 -8.78 11.79 -14.47
N ALA A 39 -8.45 12.74 -15.33
CA ALA A 39 -9.23 13.98 -15.52
C ALA A 39 -10.45 13.82 -16.41
N GLY A 40 -10.68 12.64 -16.96
CA GLY A 40 -11.80 12.44 -17.87
C GLY A 40 -13.11 12.10 -17.22
N HIS A 41 -13.12 11.93 -15.90
CA HIS A 41 -14.35 11.56 -15.20
C HIS A 41 -14.24 11.89 -13.73
N GLY A 42 -15.39 11.92 -13.06
CA GLY A 42 -15.43 11.98 -11.61
C GLY A 42 -14.76 13.18 -10.98
N ILE A 43 -14.10 12.94 -9.85
CA ILE A 43 -13.38 13.95 -9.06
CA ILE A 43 -13.52 14.07 -9.15
C ILE A 43 -12.30 14.66 -9.87
N GLY A 44 -11.62 13.88 -10.69
CA GLY A 44 -10.54 14.43 -11.51
C GLY A 44 -11.10 15.45 -12.48
N ARG A 45 -12.21 15.11 -13.10
CA ARG A 45 -12.91 16.06 -13.98
C ARG A 45 -13.33 17.33 -13.24
N LEU A 46 -14.02 17.17 -12.13
CA LEU A 46 -14.46 18.33 -11.32
C LEU A 46 -13.30 19.17 -10.79
N THR A 47 -12.19 18.52 -10.49
CA THR A 47 -10.99 19.20 -10.01
C THR A 47 -10.39 20.04 -11.13
N ALA A 48 -10.35 19.50 -12.32
CA ALA A 48 -9.92 20.25 -13.49
C ALA A 48 -10.78 21.51 -13.68
N TYR A 49 -12.09 21.41 -13.52
CA TYR A 49 -12.96 22.60 -13.63
C TYR A 49 -12.59 23.66 -12.60
N GLU A 50 -12.23 23.25 -11.39
CA GLU A 50 -11.89 24.23 -10.37
C GLU A 50 -10.58 24.96 -10.66
N PHE A 51 -9.57 24.21 -11.11
CA PHE A 51 -8.32 24.81 -11.54
C PHE A 51 -8.50 25.69 -12.78
N ALA A 52 -9.39 25.30 -13.68
CA ALA A 52 -9.72 26.12 -14.86
C ALA A 52 -10.25 27.49 -14.42
N LYS A 53 -11.19 27.49 -13.48
CA LYS A 53 -11.74 28.73 -12.93
C LYS A 53 -10.64 29.63 -12.32
N LEU A 54 -9.59 29.01 -11.81
CA LEU A 54 -8.47 29.74 -11.20
C LEU A 54 -7.38 30.17 -12.20
N LYS A 55 -7.61 29.91 -13.49
CA LYS A 55 -6.71 30.29 -14.57
C LYS A 55 -5.32 29.64 -14.50
N SER A 56 -5.27 28.41 -14.00
CA SER A 56 -4.06 27.62 -14.13
C SER A 56 -3.94 27.16 -15.58
N LYS A 57 -2.73 26.74 -15.96
CA LYS A 57 -2.48 26.08 -17.24
C LYS A 57 -2.64 24.58 -16.99
N LEU A 58 -3.56 23.95 -17.73
CA LEU A 58 -3.96 22.59 -17.39
C LEU A 58 -3.35 21.56 -18.30
N VAL A 59 -2.82 20.50 -17.70
CA VAL A 59 -2.45 19.31 -18.43
C VAL A 59 -3.31 18.16 -17.91
N LEU A 60 -4.13 17.59 -18.77
CA LEU A 60 -5.10 16.61 -18.34
C LEU A 60 -4.73 15.28 -18.95
N TRP A 61 -4.66 14.26 -18.09
CA TRP A 61 -4.38 12.88 -18.52
C TRP A 61 -5.56 11.99 -18.16
N ASP A 62 -5.94 11.11 -19.10
CA ASP A 62 -6.93 10.07 -18.83
C ASP A 62 -6.74 8.94 -19.83
N ILE A 63 -7.16 7.75 -19.45
CA ILE A 63 -7.15 6.61 -20.37
C ILE A 63 -8.26 6.70 -21.44
N ASN A 64 -9.33 7.44 -21.13
CA ASN A 64 -10.50 7.52 -22.01
C ASN A 64 -10.52 8.83 -22.80
N LYS A 65 -10.33 8.72 -24.11
CA LYS A 65 -10.21 9.90 -24.95
C LYS A 65 -11.48 10.75 -24.95
N HIS A 66 -12.64 10.12 -24.99
CA HIS A 66 -13.89 10.88 -25.05
C HIS A 66 -14.12 11.71 -23.78
N GLY A 67 -13.95 11.08 -22.62
CA GLY A 67 -14.14 11.76 -21.33
C GLY A 67 -13.14 12.88 -21.19
N LEU A 68 -11.91 12.60 -21.59
CA LEU A 68 -10.84 13.59 -21.58
C LEU A 68 -11.18 14.81 -22.41
N GLU A 69 -11.65 14.60 -23.64
CA GLU A 69 -12.00 15.71 -24.50
C GLU A 69 -13.17 16.54 -23.97
N GLU A 70 -14.16 15.90 -23.34
CA GLU A 70 -15.29 16.64 -22.72
CA GLU A 70 -15.27 16.68 -22.78
C GLU A 70 -14.77 17.54 -21.62
N THR A 71 -13.94 16.96 -20.74
CA THR A 71 -13.39 17.74 -19.64
C THR A 71 -12.65 18.96 -20.19
N ALA A 72 -11.81 18.73 -21.19
CA ALA A 72 -10.95 19.77 -21.75
C ALA A 72 -11.77 20.89 -22.40
N ALA A 73 -12.83 20.53 -23.13
CA ALA A 73 -13.65 21.55 -23.76
C ALA A 73 -14.29 22.48 -22.72
N LYS A 74 -14.85 21.89 -21.66
CA LYS A 74 -15.46 22.69 -20.60
C LYS A 74 -14.42 23.57 -19.89
N CYS A 75 -13.23 23.02 -19.67
CA CYS A 75 -12.16 23.80 -19.03
C CYS A 75 -11.78 25.01 -19.88
N LYS A 76 -11.76 24.81 -21.19
CA LYS A 76 -11.53 25.95 -22.10
C LYS A 76 -12.64 26.99 -21.96
N GLY A 77 -13.89 26.53 -21.90
CA GLY A 77 -15.02 27.41 -21.67
C GLY A 77 -14.88 28.19 -20.36
N LEU A 78 -14.31 27.54 -19.36
CA LEU A 78 -14.07 28.18 -18.05
C LEU A 78 -12.93 29.21 -18.09
N GLY A 79 -12.18 29.23 -19.18
CA GLY A 79 -11.18 30.26 -19.44
C GLY A 79 -9.72 29.81 -19.37
N ALA A 80 -9.49 28.50 -19.25
CA ALA A 80 -8.13 27.97 -19.09
C ALA A 80 -7.47 27.55 -20.40
N LYS A 81 -6.14 27.66 -20.45
CA LYS A 81 -5.34 26.96 -21.45
C LYS A 81 -5.25 25.50 -21.01
N VAL A 82 -5.45 24.58 -21.95
CA VAL A 82 -5.59 23.17 -21.63
C VAL A 82 -4.88 22.33 -22.67
N HIS A 83 -4.12 21.34 -22.21
CA HIS A 83 -3.55 20.31 -23.09
C HIS A 83 -3.95 18.94 -22.59
N THR A 84 -4.18 18.00 -23.50
CA THR A 84 -4.61 16.65 -23.10
C THR A 84 -3.68 15.59 -23.64
N PHE A 85 -3.54 14.51 -22.87
CA PHE A 85 -2.80 13.32 -23.29
C PHE A 85 -3.61 12.12 -22.83
N VAL A 86 -3.80 11.19 -23.77
CA VAL A 86 -4.36 9.90 -23.44
C VAL A 86 -3.23 9.07 -22.84
N VAL A 87 -3.38 8.71 -21.58
CA VAL A 87 -2.36 7.99 -20.84
C VAL A 87 -3.00 6.90 -19.97
N ASP A 88 -2.46 5.69 -20.10
CA ASP A 88 -2.83 4.57 -19.25
C ASP A 88 -1.86 4.58 -18.06
N CYS A 89 -2.36 5.04 -16.92
CA CYS A 89 -1.52 5.15 -15.74
C CYS A 89 -1.22 3.80 -15.06
N SER A 90 -1.69 2.68 -15.63
CA SER A 90 -1.17 1.37 -15.20
C SER A 90 0.17 1.05 -15.89
N ASN A 91 0.57 1.89 -16.86
CA ASN A 91 1.73 1.65 -17.71
C ASN A 91 2.80 2.70 -17.47
N ARG A 92 3.84 2.29 -16.76
CA ARG A 92 4.95 3.15 -16.37
CA ARG A 92 4.91 3.20 -16.36
C ARG A 92 5.61 3.83 -17.57
N GLU A 93 5.81 3.06 -18.64
CA GLU A 93 6.48 3.61 -19.84
C GLU A 93 5.61 4.69 -20.49
N ASP A 94 4.29 4.50 -20.49
CA ASP A 94 3.34 5.49 -21.02
CA ASP A 94 3.39 5.50 -21.05
C ASP A 94 3.42 6.78 -20.20
N ILE A 95 3.48 6.63 -18.89
CA ILE A 95 3.60 7.80 -18.00
C ILE A 95 4.86 8.58 -18.32
N TYR A 96 6.00 7.90 -18.45
CA TYR A 96 7.27 8.60 -18.71
C TYR A 96 7.34 9.21 -20.11
N SER A 97 6.85 8.51 -21.12
CA SER A 97 6.88 9.08 -22.48
C SER A 97 5.98 10.33 -22.55
N SER A 98 4.83 10.28 -21.89
CA SER A 98 3.94 11.42 -21.83
C SER A 98 4.52 12.56 -21.02
N ALA A 99 5.19 12.25 -19.90
CA ALA A 99 5.86 13.29 -19.11
C ALA A 99 6.93 13.99 -19.94
N LYS A 100 7.64 13.22 -20.76
CA LYS A 100 8.68 13.79 -21.63
C LYS A 100 8.07 14.81 -22.59
N LYS A 101 6.91 14.47 -23.17
CA LYS A 101 6.17 15.38 -24.05
C LYS A 101 5.68 16.64 -23.32
N VAL A 102 5.20 16.48 -22.07
CA VAL A 102 4.76 17.64 -21.30
C VAL A 102 5.91 18.62 -21.08
N LYS A 103 7.07 18.11 -20.69
CA LYS A 103 8.23 18.93 -20.40
C LYS A 103 8.69 19.67 -21.65
N ALA A 104 8.70 18.98 -22.79
CA ALA A 104 9.17 19.57 -24.06
C ALA A 104 8.18 20.57 -24.66
N GLU A 105 6.90 20.27 -24.55
CA GLU A 105 5.86 21.01 -25.27
C GLU A 105 5.18 22.08 -24.42
N ILE A 106 5.14 21.88 -23.11
CA ILE A 106 4.35 22.73 -22.24
C ILE A 106 5.22 23.40 -21.19
N GLY A 107 5.97 22.62 -20.44
CA GLY A 107 6.88 23.18 -19.44
C GLY A 107 6.98 22.29 -18.23
N ASP A 108 7.44 22.85 -17.12
CA ASP A 108 7.56 22.11 -15.87
C ASP A 108 6.30 22.13 -15.01
N VAL A 109 5.73 20.96 -14.76
CA VAL A 109 4.56 20.84 -13.88
C VAL A 109 4.88 21.43 -12.50
N SER A 110 4.01 22.28 -11.98
CA SER A 110 4.19 22.80 -10.62
C SER A 110 3.21 22.21 -9.60
N ILE A 111 2.03 21.82 -10.05
CA ILE A 111 1.09 21.09 -9.21
C ILE A 111 0.73 19.78 -9.89
N LEU A 112 1.05 18.68 -9.22
CA LEU A 112 0.75 17.33 -9.69
C LEU A 112 -0.37 16.74 -8.85
N VAL A 113 -1.47 16.42 -9.52
CA VAL A 113 -2.63 15.83 -8.85
C VAL A 113 -2.74 14.36 -9.29
N ASN A 114 -2.30 13.47 -8.40
CA ASN A 114 -2.36 12.03 -8.61
C ASN A 114 -3.73 11.52 -8.23
N ASN A 115 -4.60 11.40 -9.23
CA ASN A 115 -5.99 11.09 -9.01
C ASN A 115 -6.49 9.84 -9.71
N ALA A 116 -5.85 9.42 -10.80
CA ALA A 116 -6.28 8.23 -11.54
C ALA A 116 -6.52 7.05 -10.59
N GLY A 117 -7.56 6.28 -10.87
CA GLY A 117 -7.89 5.09 -10.10
C GLY A 117 -8.18 3.92 -11.01
N VAL A 118 -8.04 2.72 -10.45
CA VAL A 118 -8.39 1.51 -11.21
C VAL A 118 -9.91 1.47 -11.44
N VAL A 119 -10.32 0.92 -12.58
CA VAL A 119 -11.72 0.64 -12.87
C VAL A 119 -11.88 -0.87 -13.03
N TYR A 120 -12.76 -1.49 -12.25
CA TYR A 120 -12.89 -2.94 -12.26
C TYR A 120 -13.79 -3.34 -13.37
N THR A 121 -13.51 -4.50 -13.95
CA THR A 121 -14.40 -5.10 -14.91
C THR A 121 -15.04 -6.26 -14.14
N SER A 122 -14.86 -7.48 -14.60
CA SER A 122 -15.48 -8.66 -13.98
C SER A 122 -15.08 -8.93 -12.50
N ASP A 123 -16.05 -9.46 -11.76
CA ASP A 123 -15.89 -10.05 -10.40
C ASP A 123 -15.34 -11.46 -10.39
N LEU A 124 -15.36 -12.12 -11.53
CA LEU A 124 -15.22 -13.56 -11.58
C LEU A 124 -13.86 -14.03 -11.05
N PHE A 125 -13.89 -15.15 -10.34
CA PHE A 125 -12.72 -15.72 -9.66
C PHE A 125 -11.48 -15.74 -10.56
N ALA A 126 -11.65 -16.25 -11.77
CA ALA A 126 -10.52 -16.47 -12.68
C ALA A 126 -9.76 -15.20 -13.11
N THR A 127 -10.42 -14.04 -13.08
CA THR A 127 -9.81 -12.82 -13.62
C THR A 127 -9.52 -11.75 -12.54
N GLN A 128 -9.64 -12.13 -11.27
CA GLN A 128 -9.43 -11.20 -10.19
C GLN A 128 -7.99 -10.78 -10.02
N ASP A 129 -7.05 -11.71 -10.13
CA ASP A 129 -5.67 -11.37 -9.68
C ASP A 129 -5.00 -10.27 -10.50
N PRO A 130 -5.15 -10.30 -11.84
CA PRO A 130 -4.64 -9.17 -12.62
C PRO A 130 -5.21 -7.80 -12.24
N GLN A 131 -6.46 -7.77 -11.77
CA GLN A 131 -7.10 -6.54 -11.40
C GLN A 131 -6.68 -6.10 -10.00
N ILE A 132 -6.37 -7.07 -9.14
CA ILE A 132 -5.77 -6.76 -7.85
C ILE A 132 -4.39 -6.11 -8.10
N GLU A 133 -3.61 -6.70 -9.00
CA GLU A 133 -2.32 -6.10 -9.40
C GLU A 133 -2.49 -4.69 -9.98
N LYS A 134 -3.46 -4.52 -10.86
CA LYS A 134 -3.77 -3.23 -11.48
C LYS A 134 -4.17 -2.17 -10.46
N THR A 135 -4.91 -2.59 -9.44
CA THR A 135 -5.29 -1.70 -8.33
C THR A 135 -4.05 -1.01 -7.74
N PHE A 136 -3.01 -1.82 -7.45
CA PHE A 136 -1.76 -1.24 -6.95
C PHE A 136 -0.98 -0.48 -8.03
N GLU A 137 -0.99 -0.96 -9.27
CA GLU A 137 -0.31 -0.26 -10.35
C GLU A 137 -0.81 1.18 -10.50
N VAL A 138 -2.12 1.34 -10.52
CA VAL A 138 -2.73 2.66 -10.76
C VAL A 138 -2.81 3.51 -9.49
N ASN A 139 -3.32 2.91 -8.40
CA ASN A 139 -3.65 3.67 -7.20
C ASN A 139 -2.42 4.02 -6.36
N VAL A 140 -1.32 3.30 -6.59
CA VAL A 140 -0.09 3.49 -5.81
C VAL A 140 1.12 3.69 -6.70
N LEU A 141 1.44 2.69 -7.53
CA LEU A 141 2.70 2.79 -8.30
C LEU A 141 2.75 3.97 -9.27
N ALA A 142 1.61 4.32 -9.86
CA ALA A 142 1.53 5.50 -10.73
C ALA A 142 2.02 6.77 -10.06
N HIS A 143 1.78 6.88 -8.75
CA HIS A 143 2.21 8.04 -7.98
C HIS A 143 3.74 8.13 -7.88
N PHE A 144 4.39 6.97 -7.80
CA PHE A 144 5.85 6.92 -7.87
C PHE A 144 6.37 7.44 -9.21
N TRP A 145 5.74 7.00 -10.28
CA TRP A 145 6.23 7.31 -11.62
C TRP A 145 6.03 8.79 -11.93
N THR A 146 4.86 9.34 -11.62
CA THR A 146 4.64 10.77 -11.85
C THR A 146 5.52 11.61 -10.96
N THR A 147 5.70 11.23 -9.70
CA THR A 147 6.58 11.98 -8.81
C THR A 147 8.02 11.95 -9.31
N LYS A 148 8.50 10.79 -9.73
CA LYS A 148 9.82 10.70 -10.34
C LYS A 148 9.96 11.58 -11.58
N ALA A 149 8.90 11.67 -12.39
CA ALA A 149 8.93 12.52 -13.57
C ALA A 149 8.98 14.02 -13.25
N PHE A 150 8.19 14.47 -12.28
CA PHE A 150 7.92 15.89 -12.09
C PHE A 150 8.55 16.53 -10.85
N LEU A 151 8.81 15.74 -9.82
CA LEU A 151 9.46 16.31 -8.62
C LEU A 151 10.88 16.89 -8.82
N PRO A 152 11.71 16.28 -9.69
CA PRO A 152 13.05 16.90 -9.87
C PRO A 152 13.04 18.37 -10.27
N ALA A 153 12.22 18.78 -11.24
CA ALA A 153 12.13 20.21 -11.59
C ALA A 153 11.53 21.05 -10.46
N MET A 154 10.57 20.50 -9.73
CA MET A 154 10.01 21.19 -8.56
C MET A 154 11.08 21.46 -7.50
N THR A 155 11.93 20.46 -7.27
CA THR A 155 13.00 20.56 -6.30
C THR A 155 14.02 21.62 -6.74
N LYS A 156 14.41 21.53 -8.01
CA LYS A 156 15.35 22.47 -8.61
C LYS A 156 14.88 23.93 -8.46
N ASN A 157 13.59 24.17 -8.69
CA ASN A 157 12.98 25.51 -8.54
C ASN A 157 12.50 25.81 -7.12
N ASN A 158 12.64 24.85 -6.21
CA ASN A 158 12.04 24.89 -4.88
C ASN A 158 10.60 25.40 -4.92
N HIS A 159 9.81 24.82 -5.81
CA HIS A 159 8.45 25.24 -6.00
C HIS A 159 7.66 24.11 -6.63
N GLY A 160 6.68 23.64 -5.87
CA GLY A 160 5.84 22.55 -6.35
C GLY A 160 4.81 22.16 -5.33
N HIS A 161 3.90 21.30 -5.76
CA HIS A 161 2.83 20.79 -4.90
C HIS A 161 2.43 19.43 -5.42
N ILE A 162 2.54 18.41 -4.58
CA ILE A 162 2.16 17.05 -4.96
C ILE A 162 0.91 16.69 -4.16
N VAL A 163 -0.15 16.40 -4.89
CA VAL A 163 -1.47 16.12 -4.31
C VAL A 163 -1.80 14.63 -4.49
N THR A 164 -1.86 13.92 -3.36
CA THR A 164 -2.19 12.50 -3.37
C THR A 164 -3.68 12.35 -3.14
N VAL A 165 -4.42 11.99 -4.19
CA VAL A 165 -5.88 11.81 -4.06
C VAL A 165 -6.17 10.33 -3.80
N ALA A 166 -6.36 9.99 -2.51
CA ALA A 166 -6.59 8.62 -2.05
C ALA A 166 -8.03 8.35 -1.61
N SER A 167 -8.93 9.21 -2.04
CA SER A 167 -10.34 8.96 -1.93
C SER A 167 -10.85 8.80 -3.34
N ALA A 168 -11.71 7.82 -3.54
CA ALA A 168 -12.54 7.78 -4.75
C ALA A 168 -13.96 7.33 -4.42
N ALA A 169 -14.90 7.66 -5.31
CA ALA A 169 -16.30 7.43 -5.05
C ALA A 169 -16.67 5.99 -5.43
N HIS A 171 -18.21 2.61 -5.03
CA HIS A 171 -18.59 1.21 -4.84
C HIS A 171 -17.77 0.22 -5.69
N VAL A 172 -17.32 -0.80 -4.98
CA VAL A 172 -16.27 -1.71 -5.38
C VAL A 172 -16.84 -3.04 -4.96
N SER A 173 -16.74 -4.04 -5.80
CA SER A 173 -17.35 -5.34 -5.49
C SER A 173 -16.50 -6.08 -4.45
N VAL A 174 -17.10 -7.04 -3.76
CA VAL A 174 -16.43 -7.67 -2.63
C VAL A 174 -15.06 -8.25 -2.96
N PRO A 175 -14.87 -8.85 -4.18
CA PRO A 175 -13.53 -9.39 -4.42
C PRO A 175 -12.43 -8.37 -4.46
N PHE A 176 -12.78 -7.10 -4.69
CA PHE A 176 -11.77 -6.06 -4.82
C PHE A 176 -11.69 -5.12 -3.63
N LEU A 177 -12.55 -5.33 -2.65
CA LEU A 177 -12.61 -4.47 -1.47
C LEU A 177 -11.26 -4.46 -0.74
N LEU A 178 -10.68 -5.62 -0.52
CA LEU A 178 -9.41 -5.69 0.21
C LEU A 178 -8.30 -4.96 -0.52
N ALA A 179 -8.17 -5.20 -1.83
CA ALA A 179 -7.17 -4.52 -2.66
C ALA A 179 -7.36 -3.02 -2.69
N TYR A 180 -8.61 -2.61 -2.89
CA TYR A 180 -8.93 -1.22 -3.00
C TYR A 180 -8.59 -0.46 -1.71
N CYS A 181 -9.09 -0.95 -0.59
CA CYS A 181 -8.85 -0.31 0.69
C CYS A 181 -7.35 -0.28 1.02
N SER A 182 -6.66 -1.42 0.82
CA SER A 182 -5.24 -1.52 1.07
CA SER A 182 -5.22 -1.52 1.08
C SER A 182 -4.45 -0.50 0.26
N SER A 183 -4.89 -0.28 -0.97
CA SER A 183 -4.18 0.63 -1.86
C SER A 183 -4.32 2.09 -1.38
N LYS A 184 -5.37 2.38 -0.65
CA LYS A 184 -5.57 3.71 -0.11
C LYS A 184 -4.70 3.96 1.14
N PHE A 185 -4.62 2.98 2.04
CA PHE A 185 -3.62 3.02 3.09
C PHE A 185 -2.22 3.24 2.48
N ALA A 186 -1.91 2.54 1.39
CA ALA A 186 -0.62 2.66 0.72
C ALA A 186 -0.39 4.08 0.21
N ALA A 187 -1.39 4.64 -0.46
CA ALA A 187 -1.26 6.01 -0.99
C ALA A 187 -1.07 7.05 0.10
N VAL A 188 -1.79 6.88 1.21
CA VAL A 188 -1.62 7.77 2.35
C VAL A 188 -0.21 7.63 2.93
N GLY A 189 0.29 6.40 3.00
CA GLY A 189 1.67 6.15 3.41
C GLY A 189 2.70 6.80 2.50
N PHE A 190 2.42 6.77 1.21
CA PHE A 190 3.25 7.43 0.20
C PHE A 190 3.32 8.94 0.53
N HIS A 191 2.15 9.55 0.70
CA HIS A 191 2.10 10.97 1.09
C HIS A 191 2.88 11.29 2.38
N LYS A 192 2.63 10.52 3.42
CA LYS A 192 3.23 10.79 4.73
C LYS A 192 4.74 10.66 4.67
N THR A 193 5.21 9.65 3.95
CA THR A 193 6.66 9.40 3.86
C THR A 193 7.33 10.46 2.98
N LEU A 194 6.74 10.74 1.83
CA LEU A 194 7.25 11.79 0.94
C LEU A 194 7.29 13.16 1.62
N THR A 195 6.23 13.49 2.34
CA THR A 195 6.20 14.74 3.11
C THR A 195 7.42 14.87 4.01
N ASP A 196 7.73 13.80 4.73
CA ASP A 196 8.85 13.84 5.68
C ASP A 196 10.20 13.78 5.00
N GLU A 197 10.27 13.14 3.83
CA GLU A 197 11.51 13.14 3.06
C GLU A 197 11.83 14.55 2.57
N LEU A 198 10.81 15.25 2.06
CA LEU A 198 10.99 16.64 1.60
C LEU A 198 11.47 17.53 2.75
N ALA A 199 10.84 17.37 3.92
CA ALA A 199 11.24 18.09 5.13
C ALA A 199 12.67 17.78 5.56
N ALA A 200 13.01 16.49 5.60
CA ALA A 200 14.37 16.07 5.93
C ALA A 200 15.42 16.68 5.00
N LEU A 201 15.08 16.77 3.72
CA LEU A 201 15.96 17.32 2.72
C LEU A 201 15.91 18.86 2.62
N GLN A 202 15.13 19.51 3.50
CA GLN A 202 14.94 20.97 3.48
C GLN A 202 14.41 21.51 2.16
N ILE A 203 13.56 20.73 1.49
CA ILE A 203 12.94 21.17 0.26
C ILE A 203 11.64 21.86 0.68
N THR A 204 11.79 23.09 1.14
CA THR A 204 10.71 23.81 1.80
C THR A 204 9.62 24.32 0.87
N GLY A 205 9.94 24.45 -0.42
CA GLY A 205 8.99 25.00 -1.37
C GLY A 205 8.10 24.00 -2.08
N VAL A 206 8.27 22.71 -1.82
CA VAL A 206 7.43 21.69 -2.42
C VAL A 206 6.45 21.19 -1.37
N LYS A 207 5.18 21.48 -1.58
CA LYS A 207 4.13 21.20 -0.63
C LYS A 207 3.51 19.86 -0.98
N THR A 208 2.80 19.29 -0.01
CA THR A 208 2.09 18.05 -0.23
C THR A 208 0.71 18.17 0.39
N THR A 209 -0.28 17.55 -0.25
CA THR A 209 -1.66 17.51 0.26
C THR A 209 -2.22 16.13 -0.05
N CYS A 210 -2.89 15.52 0.92
CA CYS A 210 -3.49 14.21 0.75
C CYS A 210 -4.99 14.24 1.05
N LEU A 211 -5.79 13.80 0.10
CA LEU A 211 -7.21 13.54 0.33
C LEU A 211 -7.36 12.10 0.76
N CYS A 212 -7.79 11.91 2.00
CA CYS A 212 -7.67 10.64 2.74
C CYS A 212 -9.06 10.20 3.25
N PRO A 213 -9.46 8.95 3.01
CA PRO A 213 -10.71 8.47 3.64
C PRO A 213 -10.54 8.30 5.13
N ASN A 214 -11.57 8.57 5.88
CA ASN A 214 -11.51 8.40 7.33
C ASN A 214 -11.15 6.99 7.79
N PHE A 215 -11.51 5.99 6.97
CA PHE A 215 -11.24 4.59 7.32
C PHE A 215 -9.75 4.29 7.52
N VAL A 216 -8.88 5.11 6.95
CA VAL A 216 -7.46 4.95 7.17
C VAL A 216 -7.14 5.23 8.63
N ASN A 217 -7.92 6.10 9.30
CA ASN A 217 -7.76 6.30 10.75
C ASN A 217 -8.64 5.42 11.64
N THR A 218 -9.83 5.05 11.17
CA THR A 218 -10.84 4.41 12.02
C THR A 218 -11.04 2.91 11.77
N GLY A 219 -10.61 2.43 10.62
CA GLY A 219 -11.07 1.14 10.16
C GLY A 219 -12.57 1.24 9.81
N PHE A 220 -13.21 0.10 9.74
CA PHE A 220 -14.54 0.00 9.18
C PHE A 220 -15.55 -0.27 10.25
N ILE A 221 -15.35 -1.34 11.02
CA ILE A 221 -16.38 -1.74 11.99
C ILE A 221 -16.48 -0.64 13.06
N LYS A 222 -15.34 -0.07 13.46
CA LYS A 222 -15.35 0.98 14.50
C LYS A 222 -16.04 2.29 14.05
N ASN A 223 -16.23 2.44 12.73
CA ASN A 223 -16.81 3.63 12.14
C ASN A 223 -18.01 3.31 11.27
N PRO A 224 -19.19 3.29 11.88
CA PRO A 224 -20.45 2.97 11.18
C PRO A 224 -20.70 3.77 9.93
N SER A 225 -20.15 4.99 9.84
CA SER A 225 -20.30 5.78 8.63
C SER A 225 -19.73 5.06 7.41
N THR A 226 -18.72 4.21 7.59
CA THR A 226 -18.14 3.47 6.45
C THR A 226 -19.18 2.51 5.79
N SER A 227 -20.22 2.18 6.54
CA SER A 227 -21.34 1.39 6.01
C SER A 227 -22.62 2.19 5.81
N LEU A 228 -22.86 3.20 6.66
CA LEU A 228 -24.17 3.86 6.71
C LEU A 228 -24.22 5.28 6.17
N GLY A 229 -23.05 5.85 5.91
CA GLY A 229 -22.97 7.25 5.62
C GLY A 229 -23.16 8.03 6.92
N PRO A 230 -23.37 9.35 6.82
CA PRO A 230 -23.51 10.12 5.60
C PRO A 230 -22.21 10.27 4.80
N THR A 231 -22.36 10.50 3.52
CA THR A 231 -21.24 10.62 2.63
C THR A 231 -21.34 11.99 1.97
N LEU A 232 -20.39 12.31 1.09
CA LEU A 232 -20.33 13.58 0.42
C LEU A 232 -20.68 13.40 -1.06
N GLU A 233 -21.31 14.42 -1.63
CA GLU A 233 -21.47 14.54 -3.08
C GLU A 233 -20.11 14.80 -3.70
N PRO A 234 -19.90 14.37 -4.96
CA PRO A 234 -18.63 14.67 -5.63
C PRO A 234 -18.22 16.16 -5.59
N GLU A 235 -19.19 17.06 -5.71
CA GLU A 235 -18.91 18.51 -5.62
C GLU A 235 -18.34 18.93 -4.28
N GLU A 236 -18.87 18.33 -3.21
CA GLU A 236 -18.39 18.58 -1.83
C GLU A 236 -16.97 18.06 -1.63
N VAL A 237 -16.66 16.87 -2.15
CA VAL A 237 -15.32 16.33 -2.07
C VAL A 237 -14.34 17.29 -2.70
N VAL A 238 -14.68 17.78 -3.89
CA VAL A 238 -13.76 18.66 -4.61
C VAL A 238 -13.63 20.03 -3.95
N ASN A 239 -14.72 20.54 -3.40
CA ASN A 239 -14.66 21.79 -2.65
CA ASN A 239 -14.70 21.78 -2.60
C ASN A 239 -13.65 21.67 -1.51
N ARG A 240 -13.69 20.54 -0.81
CA ARG A 240 -12.78 20.31 0.32
C ARG A 240 -11.34 20.08 -0.15
N LEU A 241 -11.19 19.35 -1.24
CA LEU A 241 -9.87 19.13 -1.83
C LEU A 241 -9.23 20.46 -2.24
N MET A 242 -9.98 21.29 -2.95
CA MET A 242 -9.43 22.53 -3.46
C MET A 242 -9.06 23.47 -2.32
N HIS A 243 -9.90 23.52 -1.29
CA HIS A 243 -9.63 24.36 -0.12
C HIS A 243 -8.34 23.95 0.56
N GLY A 244 -8.13 22.64 0.68
CA GLY A 244 -6.92 22.09 1.25
C GLY A 244 -5.70 22.39 0.43
N ILE A 245 -5.80 22.19 -0.88
CA ILE A 245 -4.68 22.50 -1.76
C ILE A 245 -4.32 23.99 -1.68
N LEU A 246 -5.33 24.84 -1.77
CA LEU A 246 -5.07 26.27 -1.84
C LEU A 246 -4.57 26.85 -0.51
N THR A 247 -4.91 26.22 0.60
CA THR A 247 -4.37 26.65 1.89
C THR A 247 -3.19 25.78 2.33
N GLU A 248 -2.74 24.93 1.42
CA GLU A 248 -1.59 24.05 1.66
C GLU A 248 -1.70 23.19 2.93
N GLN A 249 -2.90 22.64 3.17
CA GLN A 249 -3.08 21.63 4.22
C GLN A 249 -2.44 20.34 3.76
N LYS A 250 -1.86 19.61 4.71
CA LYS A 250 -1.20 18.36 4.38
C LYS A 250 -2.22 17.24 4.26
N MET A 251 -3.26 17.25 5.09
CA MET A 251 -4.24 16.15 5.15
C MET A 251 -5.65 16.70 5.06
N ILE A 252 -6.47 15.99 4.30
CA ILE A 252 -7.90 16.34 4.21
C ILE A 252 -8.67 15.04 4.34
N PHE A 253 -9.32 14.86 5.49
CA PHE A 253 -10.09 13.64 5.75
C PHE A 253 -11.51 13.83 5.28
N ILE A 254 -12.02 12.82 4.60
CA ILE A 254 -13.40 12.81 4.17
C ILE A 254 -14.02 11.44 4.37
N PRO A 255 -15.35 11.40 4.58
CA PRO A 255 -16.01 10.10 4.66
C PRO A 255 -16.07 9.43 3.28
N SER A 256 -15.76 8.15 3.23
CA SER A 256 -15.79 7.39 1.97
C SER A 256 -17.19 6.93 1.70
N SER A 257 -17.43 6.47 0.47
CA SER A 257 -18.71 5.92 0.12
C SER A 257 -18.50 4.45 -0.33
N ILE A 258 -17.72 3.73 0.46
CA ILE A 258 -17.31 2.36 0.21
C ILE A 258 -18.44 1.37 0.56
N ALA A 259 -19.37 1.79 1.43
CA ALA A 259 -20.52 0.95 1.80
C ALA A 259 -20.10 -0.46 2.24
N PHE A 260 -19.25 -0.49 3.26
CA PHE A 260 -18.53 -1.71 3.67
C PHE A 260 -19.43 -2.93 3.92
N LEU A 261 -20.36 -2.79 4.87
CA LEU A 261 -21.17 -3.94 5.29
C LEU A 261 -22.12 -4.42 4.20
N THR A 262 -22.72 -3.49 3.46
CA THR A 262 -23.64 -3.88 2.38
C THR A 262 -22.86 -4.49 1.21
N THR A 263 -21.63 -4.02 0.97
CA THR A 263 -20.76 -4.63 -0.02
C THR A 263 -20.48 -6.10 0.36
N LEU A 264 -20.20 -6.33 1.64
CA LEU A 264 -19.88 -7.67 2.13
C LEU A 264 -21.09 -8.63 2.29
N GLU A 265 -22.25 -8.07 2.63
CA GLU A 265 -23.47 -8.89 2.77
C GLU A 265 -23.88 -9.52 1.43
N ARG A 266 -23.49 -8.91 0.32
CA ARG A 266 -23.77 -9.45 -1.01
C ARG A 266 -23.10 -10.80 -1.30
N ILE A 267 -22.24 -11.28 -0.40
CA ILE A 267 -21.96 -12.71 -0.29
C ILE A 267 -22.61 -13.22 1.00
N LEU A 268 -22.28 -12.58 2.12
CA LEU A 268 -22.43 -13.15 3.46
C LEU A 268 -21.84 -14.56 3.51
N ARG B 25 -3.40 -17.24 29.54
CA ARG B 25 -3.22 -16.07 28.64
C ARG B 25 -2.83 -16.49 27.22
N ARG B 26 -2.02 -17.55 27.09
CA ARG B 26 -1.52 -18.01 25.80
C ARG B 26 -2.18 -19.29 25.33
N LYS B 27 -2.51 -19.35 24.04
CA LYS B 27 -3.03 -20.57 23.42
C LYS B 27 -1.91 -21.56 23.14
N SER B 28 -2.29 -22.83 23.02
CA SER B 28 -1.38 -23.85 22.55
C SER B 28 -1.49 -23.88 21.03
N VAL B 29 -0.38 -24.17 20.37
CA VAL B 29 -0.35 -24.31 18.92
C VAL B 29 0.20 -25.68 18.54
N THR B 30 0.02 -26.64 19.43
CA THR B 30 0.56 -27.98 19.22
C THR B 30 -0.15 -28.63 18.06
N GLY B 31 0.62 -29.14 17.10
CA GLY B 31 0.04 -29.81 15.93
C GLY B 31 -0.61 -28.89 14.91
N GLU B 32 -0.59 -27.59 15.17
CA GLU B 32 -1.07 -26.63 14.18
C GLU B 32 -0.09 -26.62 13.01
N ILE B 33 -0.60 -26.57 11.78
CA ILE B 33 0.23 -26.36 10.61
C ILE B 33 0.49 -24.86 10.44
N VAL B 34 1.74 -24.48 10.64
CA VAL B 34 2.18 -23.11 10.64
C VAL B 34 3.11 -22.92 9.43
N LEU B 35 2.68 -22.04 8.52
CA LEU B 35 3.46 -21.72 7.34
C LEU B 35 4.11 -20.36 7.53
N ILE B 36 5.44 -20.33 7.39
CA ILE B 36 6.18 -19.09 7.50
C ILE B 36 6.90 -18.82 6.21
N THR B 37 6.64 -17.64 5.64
CA THR B 37 7.37 -17.17 4.46
C THR B 37 8.63 -16.38 4.91
N GLY B 38 9.67 -16.41 4.08
CA GLY B 38 10.95 -15.78 4.45
C GLY B 38 11.62 -16.49 5.61
N ALA B 39 11.39 -17.80 5.71
CA ALA B 39 11.79 -18.59 6.86
C ALA B 39 13.27 -19.04 6.82
N GLY B 40 13.97 -18.69 5.76
CA GLY B 40 15.38 -19.06 5.60
C GLY B 40 16.36 -18.10 6.24
N HIS B 41 15.87 -17.00 6.79
CA HIS B 41 16.74 -16.00 7.41
C HIS B 41 15.99 -15.13 8.38
N GLY B 42 16.74 -14.37 9.18
CA GLY B 42 16.20 -13.26 9.96
C GLY B 42 15.09 -13.65 10.92
N ILE B 43 14.11 -12.77 11.08
CA ILE B 43 13.07 -13.05 12.05
CA ILE B 43 12.96 -12.93 11.96
C ILE B 43 12.17 -14.20 11.62
N GLY B 44 12.09 -14.51 10.32
CA GLY B 44 11.35 -15.70 9.89
C GLY B 44 11.94 -16.98 10.44
N ARG B 45 13.24 -17.10 10.34
CA ARG B 45 13.99 -18.21 10.90
C ARG B 45 13.80 -18.32 12.41
N LEU B 46 13.97 -17.20 13.11
CA LEU B 46 13.84 -17.18 14.56
C LEU B 46 12.43 -17.52 14.98
N THR B 47 11.46 -17.06 14.18
CA THR B 47 10.05 -17.39 14.43
C THR B 47 9.76 -18.88 14.24
N ALA B 48 10.35 -19.47 13.21
CA ALA B 48 10.23 -20.91 12.97
C ALA B 48 10.73 -21.71 14.19
N TYR B 49 11.86 -21.29 14.76
CA TYR B 49 12.39 -21.95 15.95
C TYR B 49 11.43 -21.89 17.13
N GLU B 50 10.79 -20.75 17.35
CA GLU B 50 9.86 -20.63 18.46
C GLU B 50 8.66 -21.55 18.26
N PHE B 51 8.13 -21.60 17.03
CA PHE B 51 7.02 -22.50 16.74
C PHE B 51 7.44 -23.97 16.89
N ALA B 52 8.69 -24.26 16.57
CA ALA B 52 9.25 -25.61 16.71
C ALA B 52 9.18 -26.07 18.18
N LYS B 53 9.58 -25.18 19.08
CA LYS B 53 9.57 -25.50 20.51
C LYS B 53 8.16 -25.75 21.02
N LEU B 54 7.16 -25.11 20.41
CA LEU B 54 5.76 -25.24 20.80
C LEU B 54 5.03 -26.41 20.11
N LYS B 55 5.79 -27.16 19.31
CA LYS B 55 5.37 -28.44 18.72
C LYS B 55 4.33 -28.26 17.64
N SER B 56 4.45 -27.16 16.91
CA SER B 56 3.69 -26.95 15.69
C SER B 56 4.29 -27.81 14.59
N LYS B 57 3.49 -28.08 13.57
CA LYS B 57 3.95 -28.72 12.36
C LYS B 57 4.32 -27.59 11.39
N LEU B 58 5.62 -27.49 11.06
CA LEU B 58 6.11 -26.36 10.29
C LEU B 58 6.15 -26.56 8.78
N VAL B 59 5.69 -25.55 8.05
CA VAL B 59 5.89 -25.46 6.62
C VAL B 59 6.69 -24.20 6.36
N LEU B 60 7.90 -24.36 5.85
CA LEU B 60 8.80 -23.23 5.66
C LEU B 60 8.98 -22.90 4.19
N TRP B 61 8.78 -21.62 3.86
CA TRP B 61 8.93 -21.11 2.49
C TRP B 61 10.04 -20.09 2.49
N ASP B 62 10.88 -20.16 1.46
CA ASP B 62 11.91 -19.16 1.27
C ASP B 62 12.47 -19.35 -0.14
N ILE B 63 12.99 -18.29 -0.71
CA ILE B 63 13.65 -18.36 -2.01
C ILE B 63 15.02 -19.07 -1.97
N ASN B 64 15.59 -19.23 -0.76
CA ASN B 64 16.95 -19.82 -0.61
C ASN B 64 16.90 -21.25 -0.06
N LYS B 65 17.35 -22.21 -0.86
CA LYS B 65 17.25 -23.60 -0.44
C LYS B 65 18.09 -23.90 0.81
N HIS B 66 19.28 -23.29 0.91
CA HIS B 66 20.23 -23.63 1.98
C HIS B 66 19.77 -23.04 3.32
N GLY B 67 19.42 -21.76 3.29
CA GLY B 67 18.85 -21.06 4.47
C GLY B 67 17.64 -21.83 4.97
N LEU B 68 16.77 -22.19 4.03
CA LEU B 68 15.63 -23.02 4.32
C LEU B 68 16.02 -24.36 5.00
N GLU B 69 16.96 -25.10 4.40
CA GLU B 69 17.37 -26.39 4.98
C GLU B 69 18.04 -26.21 6.34
N GLU B 70 18.81 -25.14 6.51
CA GLU B 70 19.40 -24.82 7.81
C GLU B 70 18.32 -24.61 8.88
N THR B 71 17.32 -23.79 8.56
CA THR B 71 16.25 -23.53 9.49
C THR B 71 15.52 -24.84 9.80
N ALA B 72 15.21 -25.61 8.76
CA ALA B 72 14.51 -26.90 8.92
C ALA B 72 15.26 -27.85 9.84
N ALA B 73 16.57 -27.98 9.62
CA ALA B 73 17.42 -28.90 10.38
C ALA B 73 17.34 -28.57 11.88
N LYS B 74 17.40 -27.29 12.22
CA LYS B 74 17.30 -26.90 13.62
C LYS B 74 15.89 -27.10 14.17
N CYS B 75 14.86 -26.83 13.36
CA CYS B 75 13.49 -27.09 13.78
C CYS B 75 13.27 -28.58 14.12
N LYS B 76 13.88 -29.44 13.30
CA LYS B 76 13.82 -30.88 13.51
C LYS B 76 14.59 -31.26 14.78
N GLY B 77 15.75 -30.65 14.97
CA GLY B 77 16.51 -30.78 16.21
C GLY B 77 15.76 -30.38 17.46
N LEU B 78 14.85 -29.41 17.33
CA LEU B 78 14.02 -28.96 18.44
C LEU B 78 12.79 -29.85 18.64
N GLY B 79 12.62 -30.83 17.73
CA GLY B 79 11.63 -31.88 17.88
C GLY B 79 10.39 -31.79 17.01
N ALA B 80 10.38 -30.86 16.07
CA ALA B 80 9.16 -30.59 15.28
C ALA B 80 9.19 -31.25 13.90
N LYS B 81 8.01 -31.60 13.42
CA LYS B 81 7.81 -32.03 12.04
C LYS B 81 7.93 -30.80 11.18
N VAL B 82 8.70 -30.93 10.09
CA VAL B 82 9.04 -29.80 9.26
C VAL B 82 9.01 -30.17 7.79
N HIS B 83 8.44 -29.30 6.98
CA HIS B 83 8.48 -29.43 5.52
C HIS B 83 8.92 -28.12 4.90
N THR B 84 9.68 -28.20 3.81
CA THR B 84 10.22 -27.00 3.17
C THR B 84 9.88 -26.89 1.69
N PHE B 85 9.76 -25.67 1.22
CA PHE B 85 9.48 -25.38 -0.17
C PHE B 85 10.24 -24.14 -0.59
N VAL B 86 10.96 -24.24 -1.70
CA VAL B 86 11.64 -23.09 -2.25
C VAL B 86 10.64 -22.34 -3.08
N VAL B 87 10.35 -21.11 -2.69
CA VAL B 87 9.28 -20.31 -3.27
C VAL B 87 9.72 -18.86 -3.43
N ASP B 88 9.51 -18.33 -4.63
CA ASP B 88 9.69 -16.92 -4.89
C ASP B 88 8.39 -16.18 -4.62
N CYS B 89 8.32 -15.49 -3.48
CA CYS B 89 7.10 -14.81 -3.08
C CYS B 89 6.80 -13.56 -3.90
N SER B 90 7.66 -13.20 -4.85
CA SER B 90 7.29 -12.21 -5.83
C SER B 90 6.43 -12.78 -6.97
N ASN B 91 6.28 -14.10 -7.02
CA ASN B 91 5.67 -14.78 -8.16
C ASN B 91 4.36 -15.45 -7.72
N ARG B 92 3.24 -14.86 -8.11
CA ARG B 92 1.93 -15.36 -7.74
C ARG B 92 1.72 -16.84 -8.12
N GLU B 93 2.07 -17.20 -9.36
CA GLU B 93 1.95 -18.60 -9.81
C GLU B 93 2.76 -19.56 -8.93
N ASP B 94 3.96 -19.18 -8.54
CA ASP B 94 4.79 -20.02 -7.65
C ASP B 94 4.14 -20.21 -6.28
N ILE B 95 3.54 -19.15 -5.75
CA ILE B 95 2.87 -19.22 -4.46
C ILE B 95 1.70 -20.19 -4.55
N TYR B 96 0.90 -20.04 -5.61
CA TYR B 96 -0.25 -20.91 -5.79
C TYR B 96 0.16 -22.37 -6.04
N SER B 97 1.22 -22.57 -6.83
CA SER B 97 1.71 -23.92 -7.11
C SER B 97 2.15 -24.61 -5.85
N SER B 98 2.93 -23.89 -5.06
CA SER B 98 3.44 -24.38 -3.80
C SER B 98 2.31 -24.62 -2.76
N ALA B 99 1.33 -23.72 -2.71
CA ALA B 99 0.17 -23.90 -1.84
C ALA B 99 -0.58 -25.19 -2.19
N LYS B 100 -0.70 -25.48 -3.49
CA LYS B 100 -1.40 -26.69 -3.92
C LYS B 100 -0.66 -27.92 -3.37
N LYS B 101 0.67 -27.86 -3.39
CA LYS B 101 1.50 -28.95 -2.84
C LYS B 101 1.31 -29.08 -1.33
N VAL B 102 1.27 -27.95 -0.63
CA VAL B 102 1.08 -27.97 0.82
C VAL B 102 -0.26 -28.65 1.17
N LYS B 103 -1.32 -28.26 0.48
CA LYS B 103 -2.65 -28.81 0.74
C LYS B 103 -2.66 -30.33 0.51
N ALA B 104 -2.01 -30.76 -0.57
CA ALA B 104 -2.01 -32.17 -0.97
C ALA B 104 -1.10 -33.03 -0.09
N GLU B 105 0.07 -32.50 0.26
CA GLU B 105 1.11 -33.31 0.90
C GLU B 105 1.09 -33.21 2.42
N ILE B 106 0.60 -32.08 2.94
CA ILE B 106 0.70 -31.79 4.36
C ILE B 106 -0.68 -31.58 4.98
N GLY B 107 -1.49 -30.71 4.40
CA GLY B 107 -2.83 -30.44 4.93
C GLY B 107 -3.16 -28.97 4.87
N ASP B 108 -4.12 -28.56 5.70
CA ASP B 108 -4.60 -27.18 5.67
C ASP B 108 -3.86 -26.32 6.69
N VAL B 109 -3.12 -25.32 6.19
CA VAL B 109 -2.42 -24.36 7.05
C VAL B 109 -3.42 -23.71 8.03
N SER B 110 -3.07 -23.64 9.30
CA SER B 110 -3.92 -22.98 10.29
C SER B 110 -3.35 -21.64 10.76
N ILE B 111 -2.02 -21.49 10.71
CA ILE B 111 -1.36 -20.22 11.02
C ILE B 111 -0.46 -19.85 9.85
N LEU B 112 -0.79 -18.73 9.22
CA LEU B 112 -0.01 -18.19 8.10
C LEU B 112 0.76 -16.96 8.53
N VAL B 113 2.08 -17.04 8.41
CA VAL B 113 2.93 -15.93 8.78
C VAL B 113 3.54 -15.35 7.51
N ASN B 114 2.96 -14.23 7.07
CA ASN B 114 3.41 -13.47 5.91
C ASN B 114 4.56 -12.54 6.31
N ASN B 115 5.78 -13.05 6.10
CA ASN B 115 7.00 -12.42 6.58
C ASN B 115 8.02 -12.07 5.49
N ALA B 116 7.99 -12.76 4.35
CA ALA B 116 8.94 -12.48 3.27
C ALA B 116 8.98 -10.99 2.96
N GLY B 117 10.18 -10.47 2.67
CA GLY B 117 10.33 -9.04 2.35
C GLY B 117 11.23 -8.89 1.14
N VAL B 118 11.07 -7.80 0.41
CA VAL B 118 11.95 -7.50 -0.72
C VAL B 118 13.41 -7.28 -0.26
N VAL B 119 14.35 -7.70 -1.10
CA VAL B 119 15.77 -7.44 -0.92
C VAL B 119 16.24 -6.57 -2.10
N TYR B 120 16.93 -5.49 -1.80
CA TYR B 120 17.29 -4.49 -2.81
C TYR B 120 18.69 -4.71 -3.36
N THR B 121 18.90 -4.34 -4.63
CA THR B 121 20.24 -4.16 -5.20
C THR B 121 20.47 -2.64 -5.19
N SER B 122 21.67 -2.20 -4.76
CA SER B 122 22.03 -0.78 -4.87
C SER B 122 21.68 -0.24 -6.27
N ASP B 123 21.13 0.98 -6.35
CA ASP B 123 20.87 1.59 -7.66
C ASP B 123 22.14 2.00 -8.40
N LEU B 124 23.30 1.77 -7.78
CA LEU B 124 24.55 1.82 -8.51
C LEU B 124 24.69 0.66 -9.51
N PHE B 125 23.92 -0.41 -9.33
CA PHE B 125 24.09 -1.65 -10.08
C PHE B 125 22.81 -2.22 -10.64
N ALA B 126 21.71 -1.48 -10.47
CA ALA B 126 20.45 -1.90 -11.00
C ALA B 126 19.54 -0.70 -11.14
N THR B 127 18.58 -0.79 -12.06
CA THR B 127 17.55 0.25 -12.18
C THR B 127 16.63 0.25 -10.94
N GLN B 128 16.07 1.41 -10.64
CA GLN B 128 15.18 1.56 -9.51
C GLN B 128 13.78 1.00 -9.70
N ASP B 129 13.17 1.28 -10.85
CA ASP B 129 11.74 1.06 -10.97
C ASP B 129 11.27 -0.38 -10.82
N PRO B 130 12.00 -1.34 -11.41
CA PRO B 130 11.58 -2.72 -11.17
C PRO B 130 11.65 -3.11 -9.69
N GLN B 131 12.50 -2.46 -8.91
CA GLN B 131 12.65 -2.79 -7.49
C GLN B 131 11.56 -2.15 -6.64
N ILE B 132 11.14 -0.95 -7.04
CA ILE B 132 9.93 -0.34 -6.47
C ILE B 132 8.71 -1.25 -6.70
N GLU B 133 8.56 -1.75 -7.92
CA GLU B 133 7.49 -2.73 -8.21
C GLU B 133 7.62 -3.98 -7.36
N LYS B 134 8.82 -4.55 -7.30
CA LYS B 134 9.09 -5.74 -6.52
C LYS B 134 8.76 -5.52 -5.03
N THR B 135 8.99 -4.30 -4.55
CA THR B 135 8.68 -3.96 -3.16
C THR B 135 7.19 -4.26 -2.89
N PHE B 136 6.33 -3.78 -3.77
CA PHE B 136 4.92 -4.04 -3.62
C PHE B 136 4.53 -5.49 -3.90
N GLU B 137 5.22 -6.13 -4.83
CA GLU B 137 4.92 -7.52 -5.15
C GLU B 137 5.17 -8.40 -3.94
N VAL B 138 6.30 -8.20 -3.27
CA VAL B 138 6.64 -9.07 -2.16
C VAL B 138 5.99 -8.63 -0.85
N ASN B 139 6.04 -7.34 -0.55
CA ASN B 139 5.69 -6.86 0.78
C ASN B 139 4.17 -6.73 0.96
N VAL B 140 3.42 -6.72 -0.15
CA VAL B 140 1.98 -6.49 -0.12
C VAL B 140 1.27 -7.56 -0.93
N LEU B 141 1.54 -7.65 -2.24
CA LEU B 141 0.74 -8.55 -3.09
C LEU B 141 0.87 -10.02 -2.72
N ALA B 142 2.06 -10.43 -2.25
CA ALA B 142 2.23 -11.80 -1.77
C ALA B 142 1.24 -12.17 -0.68
N HIS B 143 0.88 -11.21 0.15
CA HIS B 143 -0.04 -11.45 1.25
C HIS B 143 -1.43 -11.72 0.70
N PHE B 144 -1.79 -11.08 -0.42
CA PHE B 144 -3.05 -11.38 -1.09
C PHE B 144 -3.03 -12.82 -1.59
N TRP B 145 -1.94 -13.22 -2.23
CA TRP B 145 -1.91 -14.55 -2.85
C TRP B 145 -1.90 -15.66 -1.80
N THR B 146 -1.14 -15.49 -0.72
CA THR B 146 -1.15 -16.53 0.35
C THR B 146 -2.50 -16.55 1.08
N THR B 147 -3.08 -15.39 1.31
CA THR B 147 -4.39 -15.35 1.92
C THR B 147 -5.44 -16.02 1.02
N LYS B 148 -5.40 -15.75 -0.28
CA LYS B 148 -6.37 -16.39 -1.17
C LYS B 148 -6.19 -17.91 -1.20
N ALA B 149 -4.95 -18.36 -1.08
CA ALA B 149 -4.64 -19.78 -1.09
C ALA B 149 -5.09 -20.48 0.19
N PHE B 150 -4.87 -19.84 1.34
CA PHE B 150 -5.05 -20.53 2.63
C PHE B 150 -6.26 -20.15 3.46
N LEU B 151 -6.79 -18.95 3.26
CA LEU B 151 -7.93 -18.51 4.04
C LEU B 151 -9.23 -19.30 3.83
N PRO B 152 -9.53 -19.72 2.58
CA PRO B 152 -10.75 -20.52 2.41
C PRO B 152 -10.91 -21.71 3.34
N ALA B 153 -9.86 -22.50 3.52
CA ALA B 153 -9.97 -23.67 4.39
C ALA B 153 -10.11 -23.22 5.83
N MET B 154 -9.39 -22.18 6.22
CA MET B 154 -9.55 -21.59 7.56
C MET B 154 -10.98 -21.16 7.82
N THR B 155 -11.61 -20.50 6.85
CA THR B 155 -12.97 -20.03 7.02
CA THR B 155 -12.97 -20.02 7.04
C THR B 155 -13.95 -21.19 7.04
N LYS B 156 -13.75 -22.16 6.16
CA LYS B 156 -14.59 -23.38 6.14
C LYS B 156 -14.63 -24.03 7.52
N ASN B 157 -13.46 -24.20 8.11
CA ASN B 157 -13.33 -24.82 9.43
C ASN B 157 -13.58 -23.86 10.62
N ASN B 158 -13.72 -22.57 10.33
CA ASN B 158 -13.73 -21.52 11.35
C ASN B 158 -12.54 -21.66 12.31
N HIS B 159 -11.35 -21.88 11.76
CA HIS B 159 -10.10 -21.93 12.53
C HIS B 159 -8.92 -21.48 11.68
N GLY B 160 -8.29 -20.39 12.09
CA GLY B 160 -7.08 -19.93 11.42
C GLY B 160 -6.50 -18.70 12.05
N HIS B 161 -5.32 -18.29 11.57
CA HIS B 161 -4.67 -17.11 12.12
C HIS B 161 -3.77 -16.57 11.03
N ILE B 162 -4.01 -15.33 10.63
CA ILE B 162 -3.20 -14.70 9.60
C ILE B 162 -2.35 -13.64 10.25
N VAL B 163 -1.04 -13.79 10.11
CA VAL B 163 -0.08 -12.89 10.75
C VAL B 163 0.60 -12.05 9.67
N THR B 164 0.34 -10.74 9.69
CA THR B 164 0.94 -9.77 8.79
C THR B 164 2.18 -9.16 9.44
N VAL B 165 3.36 -9.60 9.00
CA VAL B 165 4.60 -9.08 9.53
C VAL B 165 5.06 -7.88 8.67
N ALA B 166 4.80 -6.69 9.18
CA ALA B 166 5.04 -5.44 8.47
C ALA B 166 6.17 -4.63 9.10
N SER B 167 7.01 -5.29 9.87
CA SER B 167 8.25 -4.72 10.34
C SER B 167 9.37 -5.55 9.77
N ALA B 168 10.39 -4.90 9.21
CA ALA B 168 11.69 -5.54 8.93
C ALA B 168 12.89 -4.67 9.35
N HIS B 171 17.98 -1.16 7.34
CA HIS B 171 18.24 0.08 6.59
C HIS B 171 18.03 -0.07 5.07
N VAL B 172 17.49 0.98 4.50
CA VAL B 172 17.10 1.04 3.11
C VAL B 172 17.66 2.36 2.59
N SER B 173 18.25 2.32 1.40
CA SER B 173 18.84 3.50 0.79
C SER B 173 17.74 4.46 0.35
N VAL B 174 18.12 5.72 0.17
CA VAL B 174 17.17 6.75 -0.23
C VAL B 174 16.31 6.40 -1.45
N PRO B 175 16.90 5.83 -2.53
CA PRO B 175 16.03 5.51 -3.68
C PRO B 175 14.84 4.58 -3.38
N PHE B 176 14.99 3.74 -2.37
CA PHE B 176 13.94 2.75 -2.04
C PHE B 176 13.13 3.01 -0.76
N LEU B 177 13.48 4.06 -0.04
CA LEU B 177 12.88 4.36 1.23
C LEU B 177 11.38 4.62 1.10
N LEU B 178 11.01 5.41 0.11
CA LEU B 178 9.59 5.74 -0.10
C LEU B 178 8.75 4.48 -0.41
N ALA B 179 9.26 3.62 -1.28
CA ALA B 179 8.59 2.37 -1.60
C ALA B 179 8.50 1.47 -0.39
N TYR B 180 9.62 1.31 0.29
CA TYR B 180 9.69 0.45 1.45
C TYR B 180 8.69 0.86 2.52
N CYS B 181 8.71 2.13 2.88
CA CYS B 181 7.78 2.65 3.89
C CYS B 181 6.33 2.55 3.48
N SER B 182 6.02 2.96 2.24
CA SER B 182 4.66 2.91 1.73
CA SER B 182 4.66 2.91 1.71
C SER B 182 4.11 1.49 1.74
N SER B 183 4.97 0.52 1.46
CA SER B 183 4.59 -0.89 1.47
C SER B 183 4.16 -1.38 2.83
N LYS B 184 4.76 -0.82 3.87
CA LYS B 184 4.40 -1.19 5.25
C LYS B 184 3.07 -0.59 5.66
N PHE B 185 2.81 0.65 5.26
CA PHE B 185 1.47 1.21 5.43
C PHE B 185 0.42 0.34 4.73
N ALA B 186 0.74 -0.10 3.51
CA ALA B 186 -0.13 -0.96 2.72
C ALA B 186 -0.43 -2.28 3.41
N ALA B 187 0.60 -2.90 3.97
CA ALA B 187 0.46 -4.20 4.62
C ALA B 187 -0.37 -4.04 5.89
N VAL B 188 -0.17 -2.95 6.63
CA VAL B 188 -1.01 -2.70 7.81
C VAL B 188 -2.48 -2.48 7.38
N GLY B 189 -2.68 -1.74 6.29
CA GLY B 189 -4.03 -1.56 5.71
C GLY B 189 -4.68 -2.88 5.30
N PHE B 190 -3.88 -3.78 4.73
CA PHE B 190 -4.33 -5.13 4.41
C PHE B 190 -4.84 -5.83 5.67
N HIS B 191 -4.02 -5.83 6.71
CA HIS B 191 -4.42 -6.40 7.98
C HIS B 191 -5.73 -5.80 8.50
N LYS B 192 -5.81 -4.49 8.50
CA LYS B 192 -6.96 -3.84 9.14
CA LYS B 192 -6.95 -3.79 9.11
C LYS B 192 -8.23 -4.12 8.37
N THR B 193 -8.13 -4.17 7.04
CA THR B 193 -9.30 -4.38 6.19
C THR B 193 -9.74 -5.84 6.30
N LEU B 194 -8.76 -6.75 6.23
CA LEU B 194 -9.06 -8.18 6.36
C LEU B 194 -9.70 -8.47 7.70
N THR B 195 -9.17 -7.89 8.76
CA THR B 195 -9.70 -8.07 10.11
C THR B 195 -11.17 -7.70 10.15
N ASP B 196 -11.50 -6.56 9.56
CA ASP B 196 -12.86 -6.11 9.58
C ASP B 196 -13.79 -6.88 8.65
N GLU B 197 -13.28 -7.35 7.52
CA GLU B 197 -14.06 -8.25 6.67
C GLU B 197 -14.47 -9.52 7.41
N LEU B 198 -13.50 -10.14 8.08
CA LEU B 198 -13.78 -11.34 8.86
C LEU B 198 -14.79 -11.09 9.97
N ALA B 199 -14.62 -9.98 10.68
CA ALA B 199 -15.58 -9.58 11.72
C ALA B 199 -16.97 -9.38 11.14
N ALA B 200 -17.04 -8.63 10.04
CA ALA B 200 -18.31 -8.33 9.39
C ALA B 200 -19.05 -9.62 8.99
N LEU B 201 -18.29 -10.61 8.56
CA LEU B 201 -18.85 -11.87 8.11
C LEU B 201 -19.05 -12.86 9.26
N GLN B 202 -18.77 -12.41 10.48
CA GLN B 202 -18.90 -13.22 11.68
C GLN B 202 -18.10 -14.51 11.63
N ILE B 203 -16.88 -14.41 11.14
CA ILE B 203 -15.95 -15.53 11.10
C ILE B 203 -15.06 -15.44 12.34
N THR B 204 -15.58 -15.96 13.45
CA THR B 204 -15.02 -15.71 14.78
C THR B 204 -13.74 -16.51 15.07
N GLY B 205 -13.53 -17.58 14.35
CA GLY B 205 -12.41 -18.47 14.63
C GLY B 205 -11.15 -18.19 13.83
N VAL B 206 -11.21 -17.21 12.92
CA VAL B 206 -10.03 -16.82 12.15
C VAL B 206 -9.51 -15.49 12.69
N LYS B 207 -8.33 -15.56 13.30
CA LYS B 207 -7.74 -14.42 13.98
C LYS B 207 -6.72 -13.75 13.07
N THR B 208 -6.42 -12.50 13.41
CA THR B 208 -5.40 -11.75 12.70
C THR B 208 -4.48 -11.07 13.71
N THR B 209 -3.21 -10.99 13.35
CA THR B 209 -2.20 -10.31 14.14
C THR B 209 -1.26 -9.56 13.18
N CYS B 210 -0.95 -8.31 13.49
CA CYS B 210 -0.06 -7.50 12.68
C CYS B 210 1.10 -6.95 13.52
N LEU B 211 2.31 -7.22 13.05
CA LEU B 211 3.52 -6.62 13.59
C LEU B 211 3.80 -5.35 12.78
N CYS B 212 3.68 -4.21 13.46
CA CYS B 212 3.52 -2.92 12.80
C CYS B 212 4.59 -1.95 13.33
N PRO B 213 5.31 -1.27 12.42
CA PRO B 213 6.25 -0.25 12.90
C PRO B 213 5.49 0.97 13.43
N ASN B 214 5.99 1.55 14.52
CA ASN B 214 5.38 2.75 15.10
C ASN B 214 5.14 3.88 14.08
N PHE B 215 6.01 3.99 13.06
CA PHE B 215 5.89 5.07 12.07
C PHE B 215 4.57 5.11 11.32
N VAL B 216 3.88 3.98 11.25
CA VAL B 216 2.57 3.94 10.60
C VAL B 216 1.57 4.80 11.38
N ASN B 217 1.73 4.89 12.70
CA ASN B 217 0.93 5.78 13.55
C ASN B 217 1.52 7.17 13.77
N THR B 218 2.85 7.29 13.80
CA THR B 218 3.47 8.57 14.15
C THR B 218 4.03 9.36 12.99
N GLY B 219 4.31 8.69 11.89
CA GLY B 219 5.16 9.25 10.89
C GLY B 219 6.60 9.26 11.39
N PHE B 220 7.43 10.02 10.71
CA PHE B 220 8.86 9.99 10.91
C PHE B 220 9.37 11.17 11.72
N ILE B 221 9.19 12.39 11.22
CA ILE B 221 9.79 13.55 11.85
C ILE B 221 9.17 13.75 13.24
N LYS B 222 7.86 13.49 13.37
CA LYS B 222 7.14 13.62 14.67
C LYS B 222 7.62 12.60 15.74
N ASN B 223 8.31 11.54 15.32
CA ASN B 223 8.79 10.50 16.20
C ASN B 223 10.32 10.33 16.04
N PRO B 224 11.11 11.07 16.83
CA PRO B 224 12.59 11.00 16.76
C PRO B 224 13.20 9.58 16.83
N SER B 225 12.50 8.63 17.45
CA SER B 225 13.01 7.26 17.52
C SER B 225 13.19 6.68 16.13
N THR B 226 12.41 7.15 15.14
CA THR B 226 12.55 6.67 13.76
C THR B 226 13.92 7.01 13.17
N SER B 227 14.61 7.98 13.75
CA SER B 227 15.96 8.34 13.37
C SER B 227 16.99 7.95 14.40
N LEU B 228 16.62 8.02 15.68
CA LEU B 228 17.59 7.88 16.77
C LEU B 228 17.50 6.60 17.56
N GLY B 229 16.45 5.81 17.36
CA GLY B 229 16.17 4.70 18.27
C GLY B 229 15.69 5.25 19.61
N PRO B 230 15.65 4.40 20.66
CA PRO B 230 16.11 3.02 20.72
C PRO B 230 15.27 2.05 19.89
N THR B 231 15.90 0.95 19.52
CA THR B 231 15.26 -0.08 18.70
C THR B 231 15.36 -1.41 19.42
N LEU B 232 14.87 -2.48 18.78
CA LEU B 232 14.87 -3.81 19.37
C LEU B 232 15.85 -4.71 18.65
N GLU B 233 16.43 -5.65 19.39
CA GLU B 233 17.19 -6.73 18.78
C GLU B 233 16.20 -7.72 18.16
N PRO B 234 16.61 -8.42 17.09
CA PRO B 234 15.77 -9.42 16.44
C PRO B 234 15.09 -10.41 17.40
N GLU B 235 15.83 -10.91 18.40
CA GLU B 235 15.23 -11.84 19.37
C GLU B 235 14.10 -11.17 20.17
N GLU B 236 14.23 -9.87 20.45
CA GLU B 236 13.18 -9.11 21.13
CA GLU B 236 13.16 -9.18 21.15
C GLU B 236 11.95 -8.94 20.23
N VAL B 237 12.20 -8.66 18.96
CA VAL B 237 11.12 -8.52 17.99
C VAL B 237 10.33 -9.83 17.97
N VAL B 238 11.06 -10.96 17.94
CA VAL B 238 10.41 -12.26 17.87
C VAL B 238 9.67 -12.63 19.14
N ASN B 239 10.24 -12.30 20.30
CA ASN B 239 9.55 -12.47 21.57
C ASN B 239 8.19 -11.77 21.56
N ARG B 240 8.17 -10.52 21.10
CA ARG B 240 6.94 -9.72 21.10
C ARG B 240 5.95 -10.23 20.06
N LEU B 241 6.47 -10.66 18.90
CA LEU B 241 5.64 -11.28 17.87
C LEU B 241 4.94 -12.53 18.39
N MET B 242 5.72 -13.43 18.99
CA MET B 242 5.17 -14.70 19.49
C MET B 242 4.16 -14.47 20.60
N HIS B 243 4.45 -13.53 21.48
CA HIS B 243 3.52 -13.27 22.58
C HIS B 243 2.21 -12.73 22.04
N GLY B 244 2.27 -11.85 21.04
CA GLY B 244 1.07 -11.33 20.39
C GLY B 244 0.27 -12.38 19.65
N ILE B 245 0.94 -13.21 18.89
CA ILE B 245 0.29 -14.33 18.23
C ILE B 245 -0.42 -15.23 19.26
N LEU B 246 0.29 -15.61 20.30
CA LEU B 246 -0.24 -16.58 21.26
C LEU B 246 -1.36 -16.04 22.15
N THR B 247 -1.41 -14.72 22.35
CA THR B 247 -2.51 -14.08 23.08
C THR B 247 -3.56 -13.55 22.13
N GLU B 248 -3.36 -13.78 20.84
CA GLU B 248 -4.25 -13.37 19.78
C GLU B 248 -4.49 -11.87 19.80
N GLN B 249 -3.42 -11.11 19.99
CA GLN B 249 -3.47 -9.66 19.83
C GLN B 249 -3.61 -9.30 18.37
N LYS B 250 -4.43 -8.30 18.10
CA LYS B 250 -4.56 -7.83 16.72
C LYS B 250 -3.37 -6.97 16.25
N MET B 251 -2.83 -6.12 17.12
CA MET B 251 -1.74 -5.22 16.74
C MET B 251 -0.60 -5.36 17.72
N ILE B 252 0.62 -5.33 17.19
CA ILE B 252 1.83 -5.32 17.99
C ILE B 252 2.72 -4.24 17.41
N PHE B 253 2.77 -3.10 18.07
CA PHE B 253 3.59 -1.99 17.59
C PHE B 253 5.01 -2.17 18.07
N ILE B 254 5.97 -1.97 17.18
CA ILE B 254 7.39 -1.96 17.56
C ILE B 254 8.16 -0.80 16.91
N PRO B 255 9.23 -0.33 17.57
CA PRO B 255 10.07 0.68 16.94
C PRO B 255 10.85 0.08 15.77
N SER B 256 10.90 0.78 14.65
CA SER B 256 11.65 0.31 13.48
C SER B 256 13.09 0.73 13.59
N SER B 257 13.94 0.21 12.72
CA SER B 257 15.33 0.64 12.71
C SER B 257 15.72 1.14 11.32
N ILE B 258 15.01 2.13 10.81
CA ILE B 258 15.33 2.65 9.46
C ILE B 258 16.18 3.91 9.43
N ALA B 259 16.52 4.46 10.60
CA ALA B 259 17.44 5.59 10.65
C ALA B 259 17.07 6.64 9.59
N PHE B 260 15.83 7.08 9.66
CA PHE B 260 15.23 7.94 8.63
C PHE B 260 16.07 9.16 8.26
N LEU B 261 16.32 10.04 9.24
CA LEU B 261 16.98 11.31 8.98
C LEU B 261 18.41 11.17 8.51
N THR B 262 19.17 10.24 9.11
CA THR B 262 20.56 10.05 8.72
C THR B 262 20.66 9.44 7.32
N THR B 263 19.76 8.51 7.00
CA THR B 263 19.68 7.98 5.64
C THR B 263 19.51 9.10 4.61
N LEU B 264 18.58 10.01 4.87
CA LEU B 264 18.28 11.09 3.94
C LEU B 264 19.35 12.17 3.92
N GLU B 265 19.77 12.61 5.10
CA GLU B 265 20.70 13.74 5.22
C GLU B 265 22.06 13.37 4.60
N ARG B 266 22.34 12.07 4.50
CA ARG B 266 23.52 11.57 3.82
C ARG B 266 23.67 12.10 2.39
N ILE B 267 22.57 12.23 1.66
CA ILE B 267 22.65 12.70 0.27
C ILE B 267 22.75 14.23 0.12
N LEU B 268 22.68 14.98 1.22
CA LEU B 268 22.74 16.44 1.16
C LEU B 268 24.20 16.93 1.05
#